data_3I9J
#
_entry.id   3I9J
#
_cell.length_a   57.121
_cell.length_b   57.121
_cell.length_c   364.683
_cell.angle_alpha   90.00
_cell.angle_beta   90.00
_cell.angle_gamma   120.00
#
_symmetry.space_group_name_H-M   'P 61'
#
loop_
_entity.id
_entity.type
_entity.pdbx_description
1 polymer 'ADP-ribosyl cyclase'
2 non-polymer 'Nicotinamide 2-fluoro-adenine dinucleotide'
3 non-polymer '[(2R,3S,4R,5R)-5-(6-amino-2-fluoro-9H-purin-9-yl)-3,4-dihydroxytetrahydrofuran-2-yl]methyl [(2R,3S,4S)-3,4-dihydroxytetrahydrofuran-2-yl]methyl dihydrogen diphosphate'
4 non-polymer NICOTINAMIDE
5 water water
#
_entity_poly.entity_id   1
_entity_poly.type   'polypeptide(L)'
_entity_poly.pdbx_seq_one_letter_code
;IVPTRELENVFLGRCKDYEITRYLDILPRVRSDCSALWKDFFKAFSFKNPCDLDLGSYKDFFTSAQQQLPKNKVMFWSGV
YDEAHDYANTGRKYITLEDTLPGYMLNSLVWCGQRANPGFNEKVCPDFKTCPVQARESFWGMASSSYAHSAEGEVTYMVD
GSNPKVPAYRPDSFFGKYELPNLTNKVTRVKVIVLHRLGEKIIEKCGAGSLLDLEKLVKAKHFAFDCVENPRAVLFLLCS
DNPNARECRLAKRFYRIA
;
_entity_poly.pdbx_strand_id   A,B
#
# COMPACT_ATOMS: atom_id res chain seq x y z
N ILE A 1 -13.47 17.61 -15.03
CA ILE A 1 -12.18 17.00 -14.59
C ILE A 1 -11.17 16.66 -15.74
N VAL A 2 -9.88 16.58 -15.39
CA VAL A 2 -8.81 16.25 -16.32
C VAL A 2 -8.55 14.77 -16.32
N PRO A 3 -8.67 14.11 -17.48
CA PRO A 3 -8.51 12.67 -17.65
C PRO A 3 -7.10 12.27 -17.34
N THR A 4 -6.89 11.08 -16.79
CA THR A 4 -5.57 10.48 -16.72
C THR A 4 -4.78 10.50 -18.05
N ARG A 5 -3.51 10.89 -17.99
CA ARG A 5 -2.59 10.83 -19.12
C ARG A 5 -2.15 9.40 -19.46
N GLU A 6 -1.96 9.12 -20.76
CA GLU A 6 -1.42 7.84 -21.22
C GLU A 6 -2.13 6.70 -20.53
N LEU A 7 -3.45 6.68 -20.71
CA LEU A 7 -4.35 5.76 -20.07
C LEU A 7 -3.95 4.32 -20.37
N GLU A 8 -3.85 3.96 -21.65
CA GLU A 8 -3.39 2.61 -22.04
C GLU A 8 -2.07 2.22 -21.32
N ASN A 9 -1.06 3.10 -21.29
CA ASN A 9 0.22 2.76 -20.62
C ASN A 9 0.07 2.47 -19.11
N VAL A 10 -0.74 3.28 -18.43
CA VAL A 10 -0.92 3.10 -16.99
C VAL A 10 -1.69 1.78 -16.73
N PHE A 11 -2.71 1.55 -17.51
CA PHE A 11 -3.53 0.37 -17.38
C PHE A 11 -2.66 -0.89 -17.54
N LEU A 12 -1.99 -1.00 -18.69
CA LEU A 12 -1.10 -2.10 -19.00
C LEU A 12 0.05 -2.24 -17.97
N GLY A 13 0.59 -1.13 -17.47
CA GLY A 13 1.63 -1.21 -16.43
C GLY A 13 1.20 -1.77 -15.07
N ARG A 14 0.15 -1.21 -14.48
CA ARG A 14 -0.49 -1.78 -13.29
C ARG A 14 -0.91 -3.23 -13.54
N CYS A 15 -1.39 -3.50 -14.73
CA CYS A 15 -1.85 -4.90 -15.03
C CYS A 15 -0.70 -5.91 -14.99
N LYS A 16 0.43 -5.54 -15.58
CA LYS A 16 1.60 -6.41 -15.57
C LYS A 16 2.20 -6.49 -14.15
N ASP A 17 2.21 -5.38 -13.44
CA ASP A 17 2.74 -5.30 -12.06
C ASP A 17 1.99 -6.28 -11.16
N TYR A 18 0.67 -6.18 -11.18
CA TYR A 18 -0.25 -7.04 -10.40
C TYR A 18 -0.09 -8.54 -10.78
N GLU A 19 -0.15 -8.81 -12.08
CA GLU A 19 -0.05 -10.19 -12.62
C GLU A 19 1.16 -10.93 -12.03
N ILE A 20 2.33 -10.28 -12.07
CA ILE A 20 3.56 -10.91 -11.73
C ILE A 20 3.89 -10.81 -10.26
N THR A 21 3.47 -9.74 -9.55
CA THR A 21 4.01 -9.55 -8.19
C THR A 21 3.01 -9.26 -7.06
N ARG A 22 1.77 -8.90 -7.38
CA ARG A 22 0.83 -8.46 -6.33
C ARG A 22 -0.15 -9.53 -5.87
N TYR A 23 -0.42 -9.59 -4.57
CA TYR A 23 -1.37 -10.58 -3.97
C TYR A 23 -1.20 -12.04 -4.35
N LEU A 24 0.02 -12.45 -4.67
CA LEU A 24 0.25 -13.82 -5.14
C LEU A 24 -0.28 -14.88 -4.16
N ASP A 25 -0.22 -14.61 -2.87
CA ASP A 25 -0.62 -15.64 -1.89
C ASP A 25 -2.07 -15.50 -1.41
N ILE A 26 -2.82 -14.61 -2.05
CA ILE A 26 -4.06 -14.10 -1.47
C ILE A 26 -5.20 -14.19 -2.50
N LEU A 27 -4.94 -13.79 -3.75
CA LEU A 27 -5.96 -13.90 -4.78
C LEU A 27 -5.43 -14.62 -5.98
N PRO A 28 -6.30 -15.30 -6.73
CA PRO A 28 -5.83 -16.13 -7.80
C PRO A 28 -5.46 -15.24 -8.99
N ARG A 29 -4.76 -15.81 -9.98
CA ARG A 29 -4.33 -15.06 -11.16
C ARG A 29 -5.51 -15.03 -12.07
N VAL A 30 -5.70 -13.94 -12.80
CA VAL A 30 -6.73 -13.93 -13.89
C VAL A 30 -6.28 -14.80 -15.05
N ARG A 31 -7.21 -15.25 -15.88
CA ARG A 31 -6.87 -16.08 -16.99
C ARG A 31 -6.56 -15.36 -18.32
N SER A 32 -6.82 -14.08 -18.39
CA SER A 32 -6.54 -13.32 -19.60
C SER A 32 -5.25 -12.50 -19.56
N ASP A 33 -4.69 -12.29 -20.74
CA ASP A 33 -3.60 -11.37 -21.03
C ASP A 33 -3.99 -9.91 -20.77
N CYS A 34 -3.02 -9.05 -20.55
CA CYS A 34 -3.30 -7.66 -20.28
C CYS A 34 -3.82 -6.89 -21.52
N SER A 35 -3.34 -7.29 -22.68
CA SER A 35 -3.83 -6.77 -23.96
C SER A 35 -5.30 -7.12 -24.21
N ALA A 36 -5.70 -8.32 -23.79
CA ALA A 36 -7.07 -8.75 -23.98
C ALA A 36 -7.97 -7.97 -23.02
N LEU A 37 -7.57 -7.92 -21.77
CA LEU A 37 -8.16 -6.99 -20.78
C LEU A 37 -8.33 -5.54 -21.29
N TRP A 38 -7.28 -4.95 -21.84
CA TRP A 38 -7.37 -3.60 -22.40
C TRP A 38 -8.42 -3.50 -23.49
N LYS A 39 -8.38 -4.47 -24.40
CA LYS A 39 -9.32 -4.57 -25.53
C LYS A 39 -10.81 -4.61 -25.15
N ASP A 40 -11.15 -5.44 -24.15
CA ASP A 40 -12.53 -5.42 -23.65
C ASP A 40 -12.75 -4.04 -22.92
N PHE A 41 -11.79 -3.58 -22.14
CA PHE A 41 -12.02 -2.32 -21.36
C PHE A 41 -12.26 -1.15 -22.30
N PHE A 42 -11.38 -0.96 -23.27
CA PHE A 42 -11.52 0.13 -24.26
C PHE A 42 -12.83 0.14 -25.05
N LYS A 43 -13.23 -1.01 -25.65
CA LYS A 43 -14.43 -1.06 -26.45
C LYS A 43 -15.73 -0.90 -25.63
N ALA A 44 -15.61 -0.92 -24.30
CA ALA A 44 -16.77 -0.58 -23.43
C ALA A 44 -17.21 0.87 -23.60
N PHE A 45 -16.24 1.80 -23.60
CA PHE A 45 -16.61 3.25 -23.66
C PHE A 45 -16.17 3.97 -24.92
N SER A 46 -15.25 3.39 -25.69
CA SER A 46 -14.62 4.14 -26.79
C SER A 46 -15.57 4.36 -27.96
N PHE A 47 -15.37 5.46 -28.69
CA PHE A 47 -16.12 5.78 -29.92
C PHE A 47 -17.56 6.10 -29.66
N LYS A 48 -17.83 6.50 -28.42
CA LYS A 48 -19.19 6.88 -28.01
C LYS A 48 -19.16 8.14 -27.14
N ASN A 49 -20.31 8.79 -27.07
CA ASN A 49 -20.51 9.91 -26.22
C ASN A 49 -20.33 9.56 -24.74
N PRO A 50 -19.59 10.40 -24.01
CA PRO A 50 -19.27 10.04 -22.64
C PRO A 50 -20.50 9.62 -21.81
N CYS A 51 -21.72 10.03 -22.16
CA CYS A 51 -22.87 9.55 -21.40
C CYS A 51 -23.72 8.46 -22.11
N ASP A 52 -23.20 7.81 -23.16
CA ASP A 52 -23.99 6.81 -23.93
C ASP A 52 -24.11 5.49 -23.18
N LEU A 53 -23.12 5.23 -22.34
CA LEU A 53 -22.98 4.07 -21.48
C LEU A 53 -24.14 3.61 -20.63
N ASP A 54 -24.22 2.32 -20.36
CA ASP A 54 -25.19 1.78 -19.39
C ASP A 54 -24.62 0.64 -18.53
N LEU A 55 -25.48 -0.09 -17.79
CA LEU A 55 -24.98 -1.10 -16.82
C LEU A 55 -24.33 -2.34 -17.49
N GLY A 56 -24.58 -2.51 -18.77
CA GLY A 56 -23.96 -3.58 -19.48
C GLY A 56 -22.67 -3.24 -20.19
N SER A 57 -22.29 -1.96 -20.26
CA SER A 57 -21.19 -1.58 -21.14
C SER A 57 -19.89 -2.34 -20.83
N TYR A 58 -19.62 -2.56 -19.55
CA TYR A 58 -18.34 -3.17 -19.13
C TYR A 58 -18.52 -4.66 -18.76
N LYS A 59 -19.66 -5.28 -19.03
CA LYS A 59 -19.77 -6.77 -18.80
C LYS A 59 -18.70 -7.75 -19.33
N ASP A 60 -18.26 -7.61 -20.59
CA ASP A 60 -17.23 -8.49 -21.09
C ASP A 60 -15.92 -8.29 -20.28
N PHE A 61 -15.50 -7.03 -20.06
CA PHE A 61 -14.33 -6.73 -19.28
C PHE A 61 -14.40 -7.39 -17.92
N PHE A 62 -15.50 -7.23 -17.19
CA PHE A 62 -15.57 -7.80 -15.84
C PHE A 62 -15.65 -9.32 -15.89
N THR A 63 -16.21 -9.89 -16.94
CA THR A 63 -16.16 -11.37 -17.11
C THR A 63 -14.74 -11.91 -17.28
N SER A 64 -13.91 -11.16 -18.01
CA SER A 64 -12.50 -11.48 -18.24
C SER A 64 -11.65 -11.24 -17.02
N ALA A 65 -12.12 -10.36 -16.12
CA ALA A 65 -11.28 -9.92 -15.02
C ALA A 65 -11.61 -10.54 -13.69
N GLN A 66 -12.67 -11.34 -13.57
CA GLN A 66 -13.18 -11.71 -12.24
C GLN A 66 -12.31 -12.73 -11.51
N GLN A 67 -12.18 -12.60 -10.20
CA GLN A 67 -11.38 -13.51 -9.41
C GLN A 67 -12.23 -14.26 -8.40
N GLN A 68 -12.01 -15.54 -8.21
CA GLN A 68 -12.61 -16.22 -7.06
C GLN A 68 -12.06 -15.58 -5.77
N LEU A 69 -12.90 -15.39 -4.75
CA LEU A 69 -12.47 -14.61 -3.54
C LEU A 69 -12.39 -15.51 -2.29
N PRO A 70 -11.43 -15.27 -1.36
CA PRO A 70 -11.30 -16.14 -0.17
C PRO A 70 -12.54 -16.15 0.76
N LYS A 71 -13.04 -17.34 1.10
CA LYS A 71 -14.17 -17.48 2.03
C LYS A 71 -13.94 -16.72 3.35
N ASN A 72 -14.96 -15.96 3.78
CA ASN A 72 -15.01 -15.39 5.13
C ASN A 72 -14.24 -14.07 5.22
N LYS A 73 -13.59 -13.69 4.14
CA LYS A 73 -12.60 -12.60 4.22
C LYS A 73 -13.05 -11.27 3.57
N VAL A 74 -14.21 -11.26 2.93
CA VAL A 74 -14.60 -10.18 2.03
C VAL A 74 -15.12 -9.01 2.82
N MET A 75 -14.69 -7.82 2.45
CA MET A 75 -15.14 -6.69 3.19
C MET A 75 -15.81 -5.65 2.29
N PHE A 76 -16.90 -5.07 2.82
CA PHE A 76 -17.56 -3.89 2.27
C PHE A 76 -17.46 -2.74 3.30
N TRP A 77 -17.65 -1.50 2.85
CA TRP A 77 -17.53 -0.31 3.73
C TRP A 77 -18.41 0.82 3.11
N SER A 78 -18.93 1.75 3.91
CA SER A 78 -19.42 3.02 3.38
C SER A 78 -19.00 4.18 4.29
N GLY A 79 -18.42 5.21 3.70
CA GLY A 79 -18.07 6.43 4.46
C GLY A 79 -16.78 6.38 5.25
N VAL A 80 -16.07 5.23 5.19
CA VAL A 80 -14.87 5.03 6.02
C VAL A 80 -13.74 4.40 5.18
N TYR A 81 -13.51 4.93 3.98
CA TYR A 81 -12.51 4.39 3.10
C TYR A 81 -11.16 4.21 3.86
N ASP A 82 -10.70 5.26 4.56
CA ASP A 82 -9.32 5.17 5.06
C ASP A 82 -9.24 4.06 6.17
N GLU A 83 -10.18 4.11 7.09
CA GLU A 83 -10.25 3.14 8.20
C GLU A 83 -10.48 1.69 7.78
N ALA A 84 -11.33 1.45 6.79
CA ALA A 84 -11.58 0.09 6.34
C ALA A 84 -10.33 -0.49 5.67
N HIS A 85 -9.64 0.27 4.81
CA HIS A 85 -8.51 -0.30 4.08
C HIS A 85 -7.31 -0.42 5.00
N ASP A 86 -7.17 0.52 5.92
CA ASP A 86 -6.12 0.37 6.94
C ASP A 86 -6.33 -0.90 7.75
N TYR A 87 -7.57 -1.15 8.14
CA TYR A 87 -7.86 -2.32 8.92
C TYR A 87 -7.81 -3.65 8.10
N ALA A 88 -8.27 -3.61 6.85
CA ALA A 88 -8.07 -4.74 5.93
C ALA A 88 -6.57 -5.15 5.77
N ASN A 89 -5.68 -4.15 5.84
CA ASN A 89 -4.23 -4.38 5.75
C ASN A 89 -3.74 -5.04 4.46
N THR A 90 -4.10 -4.45 3.33
CA THR A 90 -3.64 -4.89 2.01
C THR A 90 -3.80 -6.38 1.80
N GLY A 91 -4.94 -6.90 2.22
CA GLY A 91 -5.32 -8.23 1.84
C GLY A 91 -4.97 -9.19 2.94
N ARG A 92 -4.27 -8.73 3.95
CA ARG A 92 -3.88 -9.71 4.96
C ARG A 92 -4.90 -10.10 5.98
N LYS A 93 -5.79 -9.18 6.37
CA LYS A 93 -6.85 -9.55 7.27
C LYS A 93 -8.16 -9.67 6.50
N TYR A 94 -8.47 -8.67 5.67
CA TYR A 94 -9.64 -8.70 4.78
C TYR A 94 -9.26 -8.31 3.36
N ILE A 95 -10.14 -8.63 2.43
CA ILE A 95 -10.00 -8.26 1.05
C ILE A 95 -11.03 -7.16 0.83
N THR A 96 -10.62 -6.08 0.15
CA THR A 96 -11.54 -5.07 -0.38
C THR A 96 -11.57 -5.12 -1.91
N LEU A 97 -12.58 -4.45 -2.51
CA LEU A 97 -12.68 -4.31 -3.98
C LEU A 97 -11.39 -3.83 -4.63
N GLU A 98 -10.76 -2.87 -3.96
CA GLU A 98 -9.51 -2.29 -4.39
C GLU A 98 -8.32 -3.27 -4.38
N ASP A 99 -8.47 -4.47 -3.81
CA ASP A 99 -7.31 -5.39 -3.84
C ASP A 99 -7.41 -6.34 -5.03
N THR A 100 -8.52 -6.26 -5.75
CA THR A 100 -8.77 -7.25 -6.84
C THR A 100 -8.21 -6.63 -8.14
N LEU A 101 -8.04 -7.41 -9.21
CA LEU A 101 -7.38 -6.86 -10.38
C LEU A 101 -8.04 -5.56 -10.95
N PRO A 102 -9.39 -5.56 -11.10
CA PRO A 102 -10.02 -4.42 -11.76
C PRO A 102 -10.04 -3.17 -10.90
N GLY A 103 -10.26 -3.32 -9.59
CA GLY A 103 -10.18 -2.17 -8.72
C GLY A 103 -8.80 -1.59 -8.66
N TYR A 104 -7.80 -2.46 -8.62
CA TYR A 104 -6.44 -2.00 -8.40
C TYR A 104 -6.01 -1.36 -9.73
N MET A 105 -6.41 -1.91 -10.92
CA MET A 105 -6.00 -1.21 -12.19
C MET A 105 -6.61 0.18 -12.36
N LEU A 106 -7.88 0.36 -12.02
CA LEU A 106 -8.56 1.62 -12.30
C LEU A 106 -8.70 2.53 -11.10
N ASN A 107 -8.29 2.06 -9.90
CA ASN A 107 -8.46 2.86 -8.70
C ASN A 107 -7.88 4.27 -8.98
N SER A 108 -8.77 5.24 -8.81
CA SER A 108 -8.48 6.66 -8.88
C SER A 108 -8.33 7.19 -10.29
N LEU A 109 -8.48 6.33 -11.31
CA LEU A 109 -8.23 6.83 -12.66
C LEU A 109 -9.42 7.62 -13.27
N VAL A 110 -9.15 8.56 -14.19
CA VAL A 110 -10.24 9.32 -14.87
C VAL A 110 -10.27 9.12 -16.44
N TRP A 111 -11.40 8.73 -17.03
CA TRP A 111 -11.47 8.51 -18.47
C TRP A 111 -12.85 8.72 -19.11
N CYS A 112 -12.87 8.93 -20.42
CA CYS A 112 -14.16 9.07 -21.15
C CYS A 112 -14.04 8.93 -22.68
N GLY A 113 -15.11 8.42 -23.29
CA GLY A 113 -15.21 8.28 -24.73
C GLY A 113 -15.55 9.60 -25.38
N GLN A 114 -15.17 9.72 -26.66
CA GLN A 114 -15.74 10.70 -27.61
C GLN A 114 -15.90 10.01 -28.96
N ARG A 115 -16.61 10.66 -29.88
CA ARG A 115 -16.90 10.05 -31.17
C ARG A 115 -15.87 10.28 -32.28
N ALA A 116 -15.00 11.28 -32.18
CA ALA A 116 -14.00 11.44 -33.23
C ALA A 116 -12.76 10.59 -32.87
N ASN A 117 -11.88 10.34 -33.83
CA ASN A 117 -10.57 9.79 -33.46
C ASN A 117 -9.88 10.63 -32.40
N PRO A 118 -9.17 9.98 -31.48
CA PRO A 118 -9.02 8.53 -31.53
C PRO A 118 -10.06 7.77 -30.74
N GLY A 119 -11.24 8.35 -30.50
CA GLY A 119 -12.34 7.65 -29.75
C GLY A 119 -12.38 7.75 -28.21
N PHE A 120 -11.38 8.41 -27.63
CA PHE A 120 -11.46 8.78 -26.25
C PHE A 120 -11.04 10.28 -26.09
N ASN A 121 -11.40 10.92 -24.98
CA ASN A 121 -11.02 12.33 -24.74
C ASN A 121 -9.80 12.48 -23.82
N GLU A 122 -8.68 12.93 -24.37
CA GLU A 122 -7.48 13.26 -23.57
C GLU A 122 -7.57 14.64 -22.87
N LYS A 123 -8.56 15.45 -23.19
CA LYS A 123 -8.61 16.81 -22.64
C LYS A 123 -9.53 17.01 -21.42
N VAL A 124 -10.79 16.60 -21.58
CA VAL A 124 -11.81 16.88 -20.57
C VAL A 124 -12.76 15.71 -20.50
N CYS A 125 -13.26 15.48 -19.28
CA CYS A 125 -14.28 14.48 -19.01
C CYS A 125 -15.37 15.13 -18.21
N PRO A 126 -16.63 14.79 -18.55
CA PRO A 126 -17.68 15.60 -17.99
C PRO A 126 -17.74 15.31 -16.51
N ASP A 127 -18.12 16.31 -15.70
CA ASP A 127 -18.47 15.98 -14.33
C ASP A 127 -19.51 14.91 -14.51
N PHE A 128 -19.38 13.81 -13.78
CA PHE A 128 -20.29 12.72 -14.09
C PHE A 128 -21.74 12.79 -13.51
N LYS A 129 -21.96 13.70 -12.55
CA LYS A 129 -23.30 14.09 -12.10
C LYS A 129 -24.16 14.67 -13.19
N THR A 130 -23.57 14.89 -14.37
CA THR A 130 -24.35 15.40 -15.52
C THR A 130 -25.00 14.31 -16.40
N CYS A 131 -24.58 13.06 -16.21
CA CYS A 131 -25.05 11.93 -17.00
C CYS A 131 -26.20 11.24 -16.30
N PRO A 132 -27.00 10.46 -17.05
CA PRO A 132 -28.02 9.60 -16.40
C PRO A 132 -27.32 8.67 -15.48
N VAL A 133 -28.02 8.21 -14.43
CA VAL A 133 -27.39 7.33 -13.42
C VAL A 133 -26.80 6.01 -13.93
N GLN A 134 -27.51 5.35 -14.85
CA GLN A 134 -26.98 4.09 -15.43
C GLN A 134 -25.62 4.34 -16.12
N ALA A 135 -25.38 5.58 -16.56
CA ALA A 135 -24.15 5.92 -17.25
C ALA A 135 -23.06 6.44 -16.28
N ARG A 136 -23.41 7.34 -15.38
CA ARG A 136 -22.39 7.69 -14.40
C ARG A 136 -21.95 6.53 -13.46
N GLU A 137 -22.77 5.51 -13.29
CA GLU A 137 -22.34 4.39 -12.47
C GLU A 137 -22.06 3.12 -13.26
N SER A 138 -21.98 3.22 -14.59
CA SER A 138 -21.64 2.03 -15.43
C SER A 138 -20.44 1.22 -14.90
N PHE A 139 -19.29 1.87 -14.72
CA PHE A 139 -18.07 1.11 -14.35
C PHE A 139 -18.10 0.61 -12.89
N TRP A 140 -18.09 1.56 -11.93
CA TRP A 140 -17.98 1.16 -10.55
C TRP A 140 -19.21 0.44 -10.02
N GLY A 141 -20.39 0.64 -10.61
CA GLY A 141 -21.56 -0.16 -10.24
C GLY A 141 -21.47 -1.67 -10.60
N MET A 142 -21.10 -1.98 -11.84
CA MET A 142 -20.84 -3.37 -12.27
C MET A 142 -19.65 -4.04 -11.49
N ALA A 143 -18.63 -3.25 -11.18
CA ALA A 143 -17.51 -3.69 -10.37
C ALA A 143 -18.02 -4.18 -9.00
N SER A 144 -18.75 -3.31 -8.27
CA SER A 144 -19.31 -3.68 -6.97
C SER A 144 -20.26 -4.86 -7.06
N SER A 145 -21.02 -4.94 -8.16
CA SER A 145 -21.92 -6.06 -8.43
C SER A 145 -21.23 -7.40 -8.58
N SER A 146 -20.27 -7.49 -9.49
CA SER A 146 -19.54 -8.79 -9.62
C SER A 146 -18.91 -9.17 -8.29
N TYR A 147 -18.40 -8.19 -7.59
CA TYR A 147 -17.56 -8.44 -6.45
C TYR A 147 -18.40 -9.06 -5.32
N ALA A 148 -19.47 -8.38 -4.98
CA ALA A 148 -20.43 -8.85 -4.01
C ALA A 148 -20.93 -10.20 -4.41
N HIS A 149 -21.11 -10.43 -5.72
CA HIS A 149 -21.73 -11.63 -6.19
C HIS A 149 -20.80 -12.81 -5.86
N SER A 150 -19.48 -12.58 -5.83
CA SER A 150 -18.49 -13.65 -5.59
C SER A 150 -18.24 -13.96 -4.14
N ALA A 151 -18.74 -13.13 -3.23
CA ALA A 151 -18.55 -13.36 -1.77
C ALA A 151 -19.14 -14.71 -1.20
N GLU A 152 -18.40 -15.39 -0.30
CA GLU A 152 -18.85 -16.70 0.25
C GLU A 152 -18.63 -16.63 1.76
N GLY A 153 -19.44 -17.37 2.54
CA GLY A 153 -19.33 -17.40 4.00
C GLY A 153 -19.66 -16.07 4.67
N GLU A 154 -18.83 -15.71 5.65
CA GLU A 154 -19.01 -14.41 6.31
C GLU A 154 -18.51 -13.25 5.47
N VAL A 155 -19.32 -12.21 5.50
CA VAL A 155 -18.87 -10.92 5.02
C VAL A 155 -18.96 -9.90 6.13
N THR A 156 -18.11 -8.87 5.98
CA THR A 156 -17.95 -7.77 6.93
C THR A 156 -18.30 -6.40 6.30
N TYR A 157 -18.90 -5.52 7.10
CA TYR A 157 -19.35 -4.21 6.66
C TYR A 157 -18.93 -3.19 7.69
N MET A 158 -18.05 -2.26 7.30
CA MET A 158 -17.65 -1.18 8.18
C MET A 158 -18.43 0.05 7.82
N VAL A 159 -18.90 0.79 8.82
CA VAL A 159 -19.65 2.03 8.59
C VAL A 159 -19.39 3.14 9.66
N ASP A 160 -19.88 4.34 9.36
CA ASP A 160 -19.60 5.53 10.16
C ASP A 160 -20.86 5.77 11.04
N GLY A 161 -20.72 5.73 12.37
CA GLY A 161 -21.88 6.07 13.25
C GLY A 161 -21.76 7.49 13.85
N SER A 162 -20.93 8.32 13.23
CA SER A 162 -20.69 9.65 13.73
C SER A 162 -21.09 10.76 12.71
N ASN A 163 -21.85 10.44 11.68
CA ASN A 163 -22.14 11.44 10.66
C ASN A 163 -23.57 11.97 10.74
N PRO A 164 -23.75 13.23 11.15
CA PRO A 164 -25.12 13.67 11.35
C PRO A 164 -25.94 13.81 10.04
N LYS A 165 -25.27 13.69 8.89
CA LYS A 165 -25.88 14.03 7.62
C LYS A 165 -25.96 12.81 6.74
N VAL A 166 -25.37 11.71 7.19
CA VAL A 166 -25.41 10.48 6.39
C VAL A 166 -25.61 9.26 7.28
N PRO A 167 -26.79 8.61 7.19
CA PRO A 167 -27.02 7.35 7.95
C PRO A 167 -25.95 6.29 7.68
N ALA A 168 -25.59 5.56 8.75
CA ALA A 168 -24.70 4.39 8.64
C ALA A 168 -25.06 3.48 7.47
N TYR A 169 -26.35 3.17 7.33
CA TYR A 169 -26.79 2.37 6.20
C TYR A 169 -27.87 3.18 5.42
N ARG A 170 -27.63 3.36 4.12
CA ARG A 170 -28.56 4.00 3.20
C ARG A 170 -28.86 2.99 2.09
N PRO A 171 -30.12 2.89 1.70
CA PRO A 171 -30.42 2.07 0.52
C PRO A 171 -29.77 2.60 -0.74
N ASP A 172 -29.36 3.88 -0.74
CA ASP A 172 -28.81 4.44 -1.98
C ASP A 172 -27.32 4.52 -1.99
N SER A 173 -26.63 3.87 -1.06
CA SER A 173 -25.16 3.77 -1.17
C SER A 173 -24.84 2.76 -2.26
N PHE A 174 -23.58 2.73 -2.75
CA PHE A 174 -23.17 1.57 -3.53
C PHE A 174 -23.41 0.22 -2.82
N PHE A 175 -23.24 0.19 -1.50
CA PHE A 175 -23.48 -1.08 -0.76
C PHE A 175 -24.99 -1.45 -0.88
N GLY A 176 -25.87 -0.48 -0.65
CA GLY A 176 -27.33 -0.67 -0.76
C GLY A 176 -27.89 -0.87 -2.17
N LYS A 177 -27.21 -0.32 -3.17
CA LYS A 177 -27.67 -0.44 -4.54
C LYS A 177 -27.24 -1.75 -5.18
N TYR A 178 -25.98 -2.09 -4.88
CA TYR A 178 -25.17 -3.05 -5.67
C TYR A 178 -24.68 -4.23 -4.87
N GLU A 179 -24.47 -4.06 -3.57
CA GLU A 179 -23.72 -5.07 -2.83
C GLU A 179 -24.63 -6.03 -2.07
N LEU A 180 -25.30 -5.51 -1.03
CA LEU A 180 -26.27 -6.26 -0.26
C LEU A 180 -27.26 -7.07 -1.14
N PRO A 181 -27.93 -6.43 -2.11
CA PRO A 181 -28.91 -7.22 -2.90
C PRO A 181 -28.29 -8.31 -3.78
N ASN A 182 -26.98 -8.33 -3.90
CA ASN A 182 -26.31 -9.26 -4.83
C ASN A 182 -25.64 -10.48 -4.16
N LEU A 183 -25.73 -10.54 -2.84
CA LEU A 183 -25.07 -11.61 -2.10
C LEU A 183 -25.93 -12.89 -2.27
N THR A 184 -25.25 -14.03 -2.46
CA THR A 184 -26.02 -15.36 -2.75
C THR A 184 -26.28 -16.21 -1.44
N ASN A 185 -26.95 -17.37 -1.57
CA ASN A 185 -27.12 -18.22 -0.43
C ASN A 185 -25.83 -18.91 0.03
N LYS A 186 -24.73 -18.64 -0.67
CA LYS A 186 -23.31 -18.97 -0.23
C LYS A 186 -22.85 -18.06 0.90
N VAL A 187 -23.56 -16.97 1.13
CA VAL A 187 -23.19 -16.07 2.25
C VAL A 187 -23.95 -16.55 3.52
N THR A 188 -23.29 -16.59 4.67
CA THR A 188 -23.99 -17.09 5.85
C THR A 188 -24.29 -16.04 6.96
N ARG A 189 -23.47 -14.99 7.01
CA ARG A 189 -23.56 -14.04 8.10
C ARG A 189 -23.09 -12.64 7.68
N VAL A 190 -23.72 -11.59 8.21
CA VAL A 190 -23.23 -10.26 8.04
C VAL A 190 -22.77 -9.66 9.38
N LYS A 191 -21.51 -9.24 9.43
CA LYS A 191 -20.90 -8.69 10.63
C LYS A 191 -20.59 -7.21 10.37
N VAL A 192 -21.34 -6.36 11.04
CA VAL A 192 -21.23 -4.94 10.88
C VAL A 192 -20.29 -4.42 11.94
N ILE A 193 -19.50 -3.40 11.58
CA ILE A 193 -18.62 -2.75 12.51
C ILE A 193 -18.91 -1.23 12.45
N VAL A 194 -19.42 -0.71 13.57
CA VAL A 194 -19.69 0.72 13.69
C VAL A 194 -18.53 1.52 14.27
N LEU A 195 -18.09 2.46 13.45
CA LEU A 195 -17.06 3.41 13.79
C LEU A 195 -17.64 4.59 14.54
N HIS A 196 -17.18 4.79 15.76
CA HIS A 196 -17.43 6.05 16.41
C HIS A 196 -16.20 6.97 16.38
N ARG A 197 -16.16 7.87 15.41
CA ARG A 197 -15.02 8.79 15.31
C ARG A 197 -14.71 9.44 16.71
N LEU A 198 -13.46 9.53 17.10
CA LEU A 198 -13.16 9.89 18.48
C LEU A 198 -13.33 11.40 18.72
N GLY A 199 -13.80 11.75 19.90
CA GLY A 199 -14.00 13.14 20.23
C GLY A 199 -15.33 13.65 19.72
N GLU A 200 -16.10 12.78 19.10
CA GLU A 200 -17.27 13.27 18.42
C GLU A 200 -18.60 12.64 18.79
N LYS A 201 -19.67 13.39 18.52
CA LYS A 201 -20.95 13.02 19.07
C LYS A 201 -21.39 11.77 18.35
N ILE A 202 -21.68 10.70 19.09
CA ILE A 202 -22.22 9.45 18.52
C ILE A 202 -23.59 9.72 17.92
N ILE A 203 -23.81 9.22 16.71
CA ILE A 203 -25.07 9.40 15.99
C ILE A 203 -25.83 8.08 15.75
N GLU A 204 -25.17 7.02 15.31
CA GLU A 204 -25.82 5.70 15.16
C GLU A 204 -25.30 4.67 16.17
N LYS A 205 -26.23 3.82 16.61
CA LYS A 205 -25.96 2.71 17.53
C LYS A 205 -26.56 1.40 17.00
N CYS A 206 -25.83 0.29 17.14
CA CYS A 206 -26.36 -1.05 16.85
C CYS A 206 -27.83 -1.24 17.24
N GLY A 207 -28.63 -1.77 16.32
CA GLY A 207 -30.04 -2.01 16.60
C GLY A 207 -30.83 -0.78 17.05
N ALA A 208 -31.01 0.15 16.13
CA ALA A 208 -31.71 1.40 16.38
C ALA A 208 -31.38 2.18 15.14
N GLY A 209 -32.39 2.86 14.58
CA GLY A 209 -32.20 3.66 13.36
C GLY A 209 -31.94 2.78 12.15
N SER A 210 -31.06 3.26 11.27
CA SER A 210 -30.75 2.58 10.01
C SER A 210 -30.04 1.24 10.24
N LEU A 211 -29.41 1.08 11.40
CA LEU A 211 -28.77 -0.20 11.69
C LEU A 211 -29.84 -1.23 12.10
N LEU A 212 -30.98 -0.73 12.55
CA LEU A 212 -32.06 -1.65 12.90
C LEU A 212 -32.76 -2.02 11.61
N ASP A 213 -32.78 -1.08 10.65
CA ASP A 213 -33.36 -1.41 9.34
C ASP A 213 -32.47 -2.47 8.70
N LEU A 214 -31.17 -2.19 8.64
CA LEU A 214 -30.21 -3.14 8.09
C LEU A 214 -30.36 -4.53 8.72
N GLU A 215 -30.37 -4.58 10.05
CA GLU A 215 -30.61 -5.86 10.74
C GLU A 215 -31.83 -6.64 10.18
N LYS A 216 -32.94 -5.95 10.00
CA LYS A 216 -34.15 -6.60 9.53
C LYS A 216 -33.98 -7.08 8.10
N LEU A 217 -33.32 -6.29 7.26
CA LEU A 217 -33.08 -6.76 5.88
C LEU A 217 -32.17 -8.00 5.86
N VAL A 218 -31.18 -8.01 6.75
CA VAL A 218 -30.23 -9.10 6.68
C VAL A 218 -30.89 -10.43 7.10
N LYS A 219 -31.70 -10.40 8.16
CA LYS A 219 -32.41 -11.56 8.66
C LYS A 219 -33.43 -12.02 7.68
N ALA A 220 -33.92 -11.09 6.84
CA ALA A 220 -34.89 -11.41 5.80
C ALA A 220 -34.27 -12.18 4.63
N LYS A 221 -32.97 -11.99 4.38
CA LYS A 221 -32.25 -12.90 3.45
C LYS A 221 -31.89 -14.24 4.08
N HIS A 222 -32.38 -14.48 5.31
CA HIS A 222 -32.09 -15.73 6.07
C HIS A 222 -30.62 -15.86 6.50
N PHE A 223 -29.86 -14.76 6.39
CA PHE A 223 -28.46 -14.63 6.84
C PHE A 223 -28.41 -14.35 8.33
N ALA A 224 -27.33 -14.78 8.98
CA ALA A 224 -27.07 -14.36 10.37
C ALA A 224 -26.65 -12.86 10.42
N PHE A 225 -26.83 -12.25 11.59
CA PHE A 225 -26.49 -10.86 11.82
C PHE A 225 -25.76 -10.63 13.17
N ASP A 226 -24.61 -9.95 13.15
CA ASP A 226 -24.13 -9.28 14.37
C ASP A 226 -23.55 -7.83 14.15
N CYS A 227 -23.36 -7.08 15.22
CA CYS A 227 -23.04 -5.65 15.11
C CYS A 227 -22.26 -5.23 16.34
N VAL A 228 -21.11 -4.58 16.16
CA VAL A 228 -20.32 -4.10 17.30
C VAL A 228 -19.83 -2.69 17.03
N GLU A 229 -19.67 -1.95 18.12
CA GLU A 229 -19.24 -0.54 18.06
C GLU A 229 -17.86 -0.34 18.67
N ASN A 230 -16.94 0.19 17.88
CA ASN A 230 -15.53 0.27 18.26
C ASN A 230 -14.95 -1.00 18.92
N PRO A 231 -14.95 -2.12 18.19
CA PRO A 231 -14.22 -3.25 18.73
C PRO A 231 -12.74 -2.86 18.98
N ARG A 232 -12.10 -3.52 19.98
CA ARG A 232 -10.83 -3.06 20.51
C ARG A 232 -9.76 -2.86 19.44
N ALA A 233 -9.58 -3.83 18.56
CA ALA A 233 -8.56 -3.76 17.53
C ALA A 233 -8.75 -2.59 16.56
N VAL A 234 -10.02 -2.23 16.35
CA VAL A 234 -10.32 -1.10 15.49
C VAL A 234 -10.13 0.22 16.26
N LEU A 235 -10.63 0.24 17.50
CA LEU A 235 -10.37 1.34 18.42
C LEU A 235 -8.86 1.64 18.49
N PHE A 236 -8.02 0.62 18.51
CA PHE A 236 -6.58 0.88 18.65
C PHE A 236 -6.00 1.61 17.41
N LEU A 237 -6.56 1.29 16.25
CA LEU A 237 -6.22 1.98 14.99
C LEU A 237 -6.49 3.50 15.05
N LEU A 238 -7.72 3.84 15.46
CA LEU A 238 -8.13 5.20 15.71
C LEU A 238 -7.23 5.88 16.74
N CYS A 239 -6.94 5.20 17.82
CA CYS A 239 -6.18 5.80 18.89
C CYS A 239 -4.81 6.14 18.42
N SER A 240 -4.29 5.40 17.44
CA SER A 240 -2.93 5.64 17.01
C SER A 240 -2.83 7.01 16.34
N ASP A 241 -3.87 7.40 15.62
CA ASP A 241 -4.01 8.75 15.02
C ASP A 241 -4.50 9.86 15.95
N ASN A 242 -4.69 9.53 17.21
CA ASN A 242 -5.20 10.52 18.16
C ASN A 242 -4.98 9.92 19.51
N PRO A 243 -3.70 9.77 19.89
CA PRO A 243 -3.35 9.03 21.07
C PRO A 243 -3.80 9.75 22.32
N ASN A 244 -4.20 11.00 22.21
CA ASN A 244 -4.65 11.74 23.39
C ASN A 244 -6.15 11.59 23.73
N ALA A 245 -7.00 11.23 22.76
CA ALA A 245 -8.43 11.07 23.02
C ALA A 245 -8.73 10.44 24.38
N ARG A 246 -9.82 10.87 25.00
CA ARG A 246 -10.30 10.25 26.24
C ARG A 246 -10.51 8.74 26.07
N GLU A 247 -10.96 8.32 24.87
CA GLU A 247 -11.24 6.92 24.59
C GLU A 247 -9.98 6.07 24.63
N CYS A 248 -8.83 6.70 24.55
CA CYS A 248 -7.56 5.95 24.41
C CYS A 248 -6.77 5.66 25.69
N ARG A 249 -7.25 6.15 26.85
CA ARG A 249 -6.51 6.07 28.12
C ARG A 249 -6.27 4.63 28.54
N LEU A 250 -5.04 4.34 28.97
CA LEU A 250 -4.65 2.99 29.38
C LEU A 250 -4.52 2.88 30.89
N ALA A 251 -4.74 1.68 31.43
CA ALA A 251 -4.51 1.41 32.87
C ALA A 251 -3.05 1.71 33.31
N ILE B 1 16.87 -20.47 -5.67
CA ILE B 1 15.89 -19.34 -5.60
C ILE B 1 15.64 -18.59 -6.94
N VAL B 2 14.38 -18.55 -7.38
CA VAL B 2 13.99 -18.17 -8.76
C VAL B 2 13.88 -16.66 -8.99
N PRO B 3 14.43 -16.18 -10.13
CA PRO B 3 14.45 -14.77 -10.56
C PRO B 3 13.05 -14.22 -11.00
N THR B 4 12.86 -12.92 -10.96
CA THR B 4 11.53 -12.36 -11.30
C THR B 4 11.29 -12.57 -12.79
N ARG B 5 10.10 -13.03 -13.18
CA ARG B 5 9.80 -13.21 -14.63
C ARG B 5 9.50 -11.84 -15.30
N GLU B 6 9.80 -11.74 -16.58
CA GLU B 6 9.52 -10.53 -17.39
C GLU B 6 9.99 -9.25 -16.68
N LEU B 7 11.23 -9.30 -16.23
CA LEU B 7 11.83 -8.27 -15.41
C LEU B 7 11.62 -6.91 -16.00
N GLU B 8 11.94 -6.80 -17.26
CA GLU B 8 11.85 -5.52 -17.94
C GLU B 8 10.42 -4.95 -17.98
N ASN B 9 9.46 -5.84 -18.30
CA ASN B 9 8.05 -5.44 -18.37
C ASN B 9 7.58 -5.00 -17.02
N VAL B 10 8.04 -5.67 -15.95
CA VAL B 10 7.61 -5.33 -14.55
C VAL B 10 8.21 -4.02 -14.12
N PHE B 11 9.50 -3.87 -14.40
CA PHE B 11 10.25 -2.68 -14.14
C PHE B 11 9.60 -1.48 -14.84
N LEU B 12 9.31 -1.62 -16.16
CA LEU B 12 8.77 -0.52 -16.98
C LEU B 12 7.31 -0.21 -16.56
N GLY B 13 6.52 -1.25 -16.33
CA GLY B 13 5.17 -1.07 -15.84
C GLY B 13 5.11 -0.36 -14.50
N ARG B 14 5.99 -0.72 -13.58
CA ARG B 14 6.02 -0.10 -12.29
C ARG B 14 6.47 1.37 -12.47
N CYS B 15 7.45 1.57 -13.37
CA CYS B 15 7.97 2.92 -13.59
C CYS B 15 6.89 3.90 -14.13
N LYS B 16 6.08 3.39 -15.04
CA LYS B 16 5.06 4.21 -15.69
C LYS B 16 3.88 4.57 -14.75
N ASP B 17 3.37 3.54 -14.11
CA ASP B 17 2.37 3.72 -13.06
C ASP B 17 2.84 4.78 -12.00
N TYR B 18 4.07 4.66 -11.51
CA TYR B 18 4.61 5.61 -10.48
C TYR B 18 4.68 7.01 -11.08
N GLU B 19 5.30 7.08 -12.26
CA GLU B 19 5.36 8.32 -13.01
C GLU B 19 4.01 9.08 -13.07
N ILE B 20 2.94 8.40 -13.47
CA ILE B 20 1.69 9.09 -13.79
C ILE B 20 0.83 9.23 -12.58
N THR B 21 0.91 8.31 -11.59
CA THR B 21 -0.17 8.29 -10.51
C THR B 21 0.28 8.24 -9.06
N ARG B 22 1.55 7.94 -8.77
CA ARG B 22 1.95 7.68 -7.39
C ARG B 22 2.72 8.83 -6.73
N TYR B 23 2.38 9.13 -5.47
CA TYR B 23 3.10 10.10 -4.64
C TYR B 23 3.14 11.52 -5.24
N LEU B 24 2.15 11.88 -6.07
CA LEU B 24 2.24 13.05 -6.93
C LEU B 24 2.32 14.33 -6.04
N ASP B 25 1.67 14.32 -4.90
CA ASP B 25 1.77 15.39 -3.97
C ASP B 25 2.95 15.26 -2.95
N ILE B 26 3.70 14.17 -2.97
CA ILE B 26 4.55 13.87 -1.82
C ILE B 26 6.03 13.92 -2.19
N LEU B 27 6.30 13.52 -3.43
CA LEU B 27 7.61 13.44 -4.02
C LEU B 27 7.59 13.92 -5.47
N PRO B 28 8.70 14.51 -5.91
CA PRO B 28 8.86 15.01 -7.29
C PRO B 28 9.06 13.91 -8.34
N ARG B 29 8.69 14.20 -9.58
CA ARG B 29 9.00 13.37 -10.72
C ARG B 29 10.51 13.49 -11.06
N VAL B 30 11.14 12.38 -11.49
CA VAL B 30 12.52 12.42 -12.01
C VAL B 30 12.52 12.91 -13.49
N ARG B 31 13.63 13.50 -13.95
CA ARG B 31 13.69 14.05 -15.29
C ARG B 31 13.75 12.97 -16.34
N SER B 32 14.22 11.81 -15.97
CA SER B 32 14.61 10.81 -16.95
C SER B 32 13.45 9.88 -17.31
N ASP B 33 13.21 9.60 -18.59
CA ASP B 33 12.08 8.73 -18.94
C ASP B 33 12.33 7.24 -18.59
N CYS B 34 11.27 6.45 -18.64
CA CYS B 34 11.36 5.08 -18.17
C CYS B 34 12.38 4.27 -18.97
N SER B 35 12.41 4.34 -20.31
CA SER B 35 13.40 3.58 -21.08
C SER B 35 14.82 4.00 -20.83
N ALA B 36 15.08 5.28 -20.55
CA ALA B 36 16.40 5.72 -20.13
C ALA B 36 16.78 5.12 -18.76
N LEU B 37 15.84 5.11 -17.83
CA LEU B 37 16.06 4.45 -16.56
C LEU B 37 16.44 2.98 -16.71
N TRP B 38 15.66 2.26 -17.51
CA TRP B 38 15.88 0.82 -17.79
C TRP B 38 17.30 0.56 -18.32
N LYS B 39 17.69 1.36 -19.30
CA LYS B 39 19.06 1.32 -19.83
C LYS B 39 20.11 1.29 -18.73
N ASP B 40 20.02 2.23 -17.79
CA ASP B 40 21.08 2.44 -16.81
C ASP B 40 21.09 1.30 -15.84
N PHE B 41 19.90 0.82 -15.56
CA PHE B 41 19.72 -0.28 -14.65
C PHE B 41 20.34 -1.51 -15.27
N PHE B 42 19.89 -1.89 -16.47
CA PHE B 42 20.34 -3.12 -17.08
C PHE B 42 21.87 -3.15 -17.32
N LYS B 43 22.49 -2.04 -17.73
CA LYS B 43 23.95 -2.07 -18.00
C LYS B 43 24.75 -2.35 -16.75
N ALA B 44 24.15 -2.15 -15.59
CA ALA B 44 24.90 -2.35 -14.34
C ALA B 44 25.35 -3.81 -14.11
N PHE B 45 24.43 -4.76 -14.32
CA PHE B 45 24.69 -6.21 -14.07
C PHE B 45 24.73 -7.05 -15.37
N SER B 46 24.15 -6.56 -16.43
CA SER B 46 24.09 -7.38 -17.64
C SER B 46 25.46 -7.81 -18.19
N PHE B 47 25.52 -9.05 -18.64
CA PHE B 47 26.64 -9.59 -19.41
C PHE B 47 27.93 -9.67 -18.59
N LYS B 48 27.71 -10.00 -17.31
CA LYS B 48 28.76 -10.19 -16.33
C LYS B 48 28.34 -11.32 -15.40
N ASN B 49 29.30 -11.95 -14.70
CA ASN B 49 28.96 -13.04 -13.77
C ASN B 49 28.15 -12.46 -12.58
N PRO B 50 27.31 -13.29 -11.93
CA PRO B 50 26.39 -12.74 -10.91
C PRO B 50 27.10 -11.99 -9.80
N CYS B 51 28.28 -12.47 -9.41
CA CYS B 51 29.09 -11.95 -8.33
C CYS B 51 30.16 -10.98 -8.82
N ASP B 52 30.04 -10.54 -10.06
CA ASP B 52 30.93 -9.56 -10.64
C ASP B 52 30.25 -8.18 -10.55
N LEU B 53 30.10 -7.67 -9.33
CA LEU B 53 29.49 -6.36 -9.12
C LEU B 53 30.26 -5.65 -8.01
N ASP B 54 30.15 -4.33 -7.93
CA ASP B 54 30.55 -3.62 -6.68
C ASP B 54 29.67 -2.46 -6.41
N LEU B 55 30.05 -1.68 -5.40
CA LEU B 55 29.31 -0.52 -4.99
C LEU B 55 29.10 0.55 -6.10
N GLY B 56 30.01 0.69 -7.05
CA GLY B 56 29.80 1.61 -8.17
C GLY B 56 29.11 1.16 -9.44
N SER B 57 28.77 -0.11 -9.53
CA SER B 57 28.05 -0.68 -10.71
C SER B 57 26.72 0.02 -11.08
N TYR B 58 25.90 0.27 -10.06
CA TYR B 58 24.55 0.91 -10.27
C TYR B 58 24.58 2.45 -10.20
N LYS B 59 25.77 3.01 -10.06
CA LYS B 59 25.92 4.45 -9.96
C LYS B 59 25.17 5.37 -10.96
N ASP B 60 25.16 5.06 -12.24
CA ASP B 60 24.51 5.92 -13.22
C ASP B 60 22.98 5.88 -13.09
N PHE B 61 22.48 4.69 -12.81
CA PHE B 61 21.08 4.50 -12.50
C PHE B 61 20.63 5.36 -11.34
N PHE B 62 21.29 5.23 -10.20
CA PHE B 62 20.89 6.01 -9.00
C PHE B 62 21.03 7.50 -9.21
N THR B 63 22.11 7.93 -9.83
CA THR B 63 22.17 9.33 -10.33
C THR B 63 20.93 9.77 -11.06
N SER B 64 20.48 9.00 -12.05
CA SER B 64 19.24 9.30 -12.79
C SER B 64 17.92 9.27 -12.01
N ALA B 65 17.81 8.31 -11.09
CA ALA B 65 16.57 8.01 -10.38
C ALA B 65 16.42 8.79 -9.06
N GLN B 66 17.39 9.62 -8.68
CA GLN B 66 17.32 10.22 -7.32
C GLN B 66 16.33 11.38 -7.29
N GLN B 67 15.48 11.42 -6.27
CA GLN B 67 14.55 12.53 -6.01
C GLN B 67 14.99 13.37 -4.84
N GLN B 68 14.82 14.69 -4.88
CA GLN B 68 14.88 15.45 -3.63
C GLN B 68 13.82 14.91 -2.68
N LEU B 69 14.13 14.92 -1.38
CA LEU B 69 13.22 14.38 -0.39
C LEU B 69 12.75 15.47 0.57
N PRO B 70 11.47 15.41 1.02
CA PRO B 70 10.93 16.54 1.78
C PRO B 70 11.51 16.56 3.18
N LYS B 71 11.87 17.76 3.64
CA LYS B 71 12.48 18.02 4.93
C LYS B 71 11.77 17.38 6.10
N ASN B 72 12.54 16.95 7.11
CA ASN B 72 11.95 16.32 8.28
C ASN B 72 11.15 15.03 8.08
N LYS B 73 11.02 14.49 6.84
CA LYS B 73 10.13 13.30 6.67
C LYS B 73 10.80 11.97 6.38
N VAL B 74 12.12 11.99 6.26
CA VAL B 74 12.88 10.74 6.06
C VAL B 74 12.95 9.80 7.29
N MET B 75 12.63 8.54 7.04
CA MET B 75 12.74 7.52 8.04
C MET B 75 13.64 6.34 7.56
N PHE B 76 14.45 5.84 8.49
CA PHE B 76 15.19 4.60 8.40
C PHE B 76 14.63 3.56 9.39
N TRP B 77 14.95 2.30 9.12
CA TRP B 77 14.43 1.17 9.90
C TRP B 77 15.43 -0.04 9.97
N SER B 78 15.54 -0.73 11.12
CA SER B 78 16.26 -2.04 11.18
C SER B 78 15.46 -3.05 11.97
N GLY B 79 15.11 -4.14 11.34
CA GLY B 79 14.56 -5.25 12.08
C GLY B 79 13.07 -5.20 12.24
N VAL B 80 12.45 -4.17 11.67
CA VAL B 80 11.01 -3.93 11.90
C VAL B 80 10.31 -3.35 10.67
N TYR B 81 10.52 -3.99 9.52
CA TYR B 81 9.97 -3.60 8.24
C TYR B 81 8.46 -3.35 8.30
N ASP B 82 7.68 -4.33 8.75
CA ASP B 82 6.22 -4.16 8.72
C ASP B 82 5.82 -2.96 9.61
N GLU B 83 6.20 -3.00 10.87
CA GLU B 83 5.84 -1.91 11.84
C GLU B 83 6.23 -0.50 11.38
N ALA B 84 7.46 -0.29 10.95
CA ALA B 84 7.90 0.98 10.37
C ALA B 84 7.09 1.45 9.11
N HIS B 85 6.84 0.56 8.16
CA HIS B 85 6.07 0.93 7.00
C HIS B 85 4.60 1.18 7.36
N ASP B 86 4.02 0.42 8.30
CA ASP B 86 2.62 0.69 8.71
C ASP B 86 2.52 2.09 9.31
N TYR B 87 3.45 2.40 10.22
CA TYR B 87 3.46 3.68 10.88
C TYR B 87 3.79 4.88 9.90
N ALA B 88 4.77 4.68 9.00
CA ALA B 88 5.03 5.71 7.98
C ALA B 88 3.81 6.00 7.03
N ASN B 89 2.92 5.01 6.86
CA ASN B 89 1.58 5.25 6.23
C ASN B 89 1.68 5.71 4.75
N THR B 90 2.45 4.96 3.97
CA THR B 90 2.59 5.25 2.54
C THR B 90 2.91 6.73 2.21
N GLY B 91 3.88 7.32 2.90
CA GLY B 91 4.26 8.71 2.60
C GLY B 91 3.45 9.74 3.34
N ARG B 92 2.36 9.35 3.98
CA ARG B 92 1.54 10.34 4.61
C ARG B 92 2.08 10.83 5.96
N LYS B 93 2.91 10.04 6.62
CA LYS B 93 3.51 10.55 7.83
C LYS B 93 5.03 10.66 7.67
N TYR B 94 5.69 9.58 7.19
CA TYR B 94 7.15 9.56 6.94
C TYR B 94 7.36 8.89 5.52
N ILE B 95 8.45 9.19 4.86
CA ILE B 95 8.83 8.56 3.61
C ILE B 95 9.87 7.51 4.00
N THR B 96 9.84 6.35 3.28
CA THR B 96 10.85 5.36 3.43
C THR B 96 11.43 5.19 2.04
N LEU B 97 12.55 4.46 1.91
CA LEU B 97 13.17 4.21 0.61
C LEU B 97 12.21 3.50 -0.35
N GLU B 98 11.35 2.61 0.17
CA GLU B 98 10.34 1.91 -0.65
C GLU B 98 9.19 2.76 -1.28
N ASP B 99 9.12 4.03 -0.91
CA ASP B 99 8.18 5.07 -1.45
C ASP B 99 8.86 5.86 -2.59
N THR B 100 10.21 5.80 -2.70
CA THR B 100 10.94 6.51 -3.75
C THR B 100 10.95 5.71 -5.05
N LEU B 101 11.26 6.37 -6.15
CA LEU B 101 11.11 5.67 -7.44
C LEU B 101 11.94 4.38 -7.50
N PRO B 102 13.25 4.46 -7.19
CA PRO B 102 14.08 3.26 -7.43
C PRO B 102 13.70 2.10 -6.46
N GLY B 103 13.31 2.44 -5.22
CA GLY B 103 12.87 1.43 -4.21
C GLY B 103 11.49 0.86 -4.51
N TYR B 104 10.61 1.72 -5.01
CA TYR B 104 9.33 1.28 -5.48
C TYR B 104 9.48 0.32 -6.67
N MET B 105 10.38 0.61 -7.62
CA MET B 105 10.44 -0.30 -8.82
C MET B 105 10.99 -1.67 -8.50
N LEU B 106 11.98 -1.74 -7.59
CA LEU B 106 12.73 -2.99 -7.39
C LEU B 106 12.39 -3.72 -6.12
N ASN B 107 11.55 -3.13 -5.27
CA ASN B 107 11.21 -3.82 -4.06
C ASN B 107 10.69 -5.24 -4.33
N SER B 108 11.17 -6.20 -3.55
CA SER B 108 10.76 -7.60 -3.65
C SER B 108 11.30 -8.33 -4.84
N LEU B 109 11.92 -7.62 -5.79
CA LEU B 109 12.27 -8.29 -7.05
C LEU B 109 13.57 -9.11 -6.85
N VAL B 110 13.81 -10.09 -7.72
CA VAL B 110 15.03 -10.89 -7.74
C VAL B 110 15.58 -11.00 -9.19
N TRP B 111 16.85 -10.61 -9.36
CA TRP B 111 17.57 -10.67 -10.65
C TRP B 111 19.11 -10.89 -10.44
N CYS B 112 19.78 -11.36 -11.48
CA CYS B 112 21.27 -11.43 -11.53
C CYS B 112 21.72 -11.54 -13.02
N GLY B 113 22.97 -11.15 -13.29
CA GLY B 113 23.60 -11.18 -14.61
C GLY B 113 24.14 -12.52 -14.99
N GLN B 114 24.58 -12.64 -16.21
CA GLN B 114 25.30 -13.83 -16.64
C GLN B 114 26.01 -13.37 -17.85
N ARG B 115 27.14 -14.02 -18.12
CA ARG B 115 27.95 -13.64 -19.25
C ARG B 115 27.36 -13.94 -20.63
N ALA B 116 26.62 -15.04 -20.75
CA ALA B 116 26.09 -15.48 -22.04
C ALA B 116 24.78 -14.71 -22.31
N ASN B 117 24.33 -14.71 -23.58
CA ASN B 117 23.05 -14.11 -23.91
C ASN B 117 21.94 -14.78 -23.13
N PRO B 118 20.89 -14.07 -22.71
CA PRO B 118 20.54 -12.65 -22.85
C PRO B 118 21.31 -11.64 -21.97
N GLY B 119 22.35 -12.07 -21.24
CA GLY B 119 23.07 -11.18 -20.36
C GLY B 119 22.55 -11.18 -18.93
N PHE B 120 21.42 -11.85 -18.70
CA PHE B 120 20.85 -11.98 -17.38
C PHE B 120 20.25 -13.39 -17.25
N ASN B 121 20.09 -13.84 -16.01
CA ASN B 121 19.70 -15.21 -15.74
C ASN B 121 18.24 -15.38 -15.40
N GLU B 122 17.53 -16.15 -16.20
CA GLU B 122 16.11 -16.32 -15.93
C GLU B 122 15.79 -17.59 -15.14
N LYS B 123 16.80 -18.39 -14.85
CA LYS B 123 16.60 -19.66 -14.16
C LYS B 123 16.87 -19.64 -12.65
N VAL B 124 17.99 -19.07 -12.24
CA VAL B 124 18.40 -19.12 -10.85
C VAL B 124 19.30 -17.94 -10.54
N CYS B 125 19.28 -17.52 -9.27
CA CYS B 125 20.11 -16.44 -8.77
C CYS B 125 20.84 -16.81 -7.47
N PRO B 126 22.11 -17.18 -7.59
CA PRO B 126 22.99 -17.60 -6.52
C PRO B 126 22.64 -16.99 -5.18
N ASP B 127 22.60 -17.86 -4.19
CA ASP B 127 22.28 -17.51 -2.83
C ASP B 127 23.26 -16.40 -2.54
N PHE B 128 22.82 -15.17 -2.71
CA PHE B 128 23.78 -14.05 -2.76
C PHE B 128 24.80 -14.05 -1.64
N LYS B 129 24.55 -14.80 -0.56
CA LYS B 129 25.52 -14.93 0.53
C LYS B 129 26.77 -15.65 0.03
N THR B 130 26.72 -16.14 -1.21
CA THR B 130 27.89 -16.78 -1.83
C THR B 130 28.94 -15.78 -2.35
N CYS B 131 28.55 -14.53 -2.46
CA CYS B 131 29.27 -13.52 -3.21
C CYS B 131 29.99 -12.60 -2.25
N PRO B 132 31.08 -11.98 -2.71
CA PRO B 132 31.73 -10.96 -1.89
C PRO B 132 30.70 -9.95 -1.48
N VAL B 133 30.95 -9.32 -0.34
CA VAL B 133 30.00 -8.41 0.24
C VAL B 133 29.72 -7.21 -0.73
N GLN B 134 30.71 -6.71 -1.46
CA GLN B 134 30.47 -5.57 -2.33
C GLN B 134 29.58 -5.97 -3.53
N ALA B 135 29.55 -7.24 -3.88
CA ALA B 135 28.62 -7.69 -4.93
C ALA B 135 27.26 -7.94 -4.29
N ARG B 136 27.22 -8.68 -3.19
CA ARG B 136 25.95 -8.99 -2.52
C ARG B 136 25.17 -7.67 -2.16
N GLU B 137 25.92 -6.58 -1.97
CA GLU B 137 25.30 -5.31 -1.44
C GLU B 137 25.41 -4.13 -2.44
N SER B 138 25.87 -4.44 -3.64
CA SER B 138 25.96 -3.49 -4.73
C SER B 138 24.65 -2.69 -4.96
N PHE B 139 23.51 -3.37 -5.14
CA PHE B 139 22.20 -2.64 -5.43
C PHE B 139 21.60 -1.94 -4.22
N TRP B 140 21.24 -2.70 -3.19
CA TRP B 140 20.60 -2.00 -2.02
C TRP B 140 21.56 -1.16 -1.15
N GLY B 141 22.85 -1.46 -1.17
CA GLY B 141 23.79 -0.56 -0.48
C GLY B 141 23.93 0.81 -1.14
N MET B 142 24.03 0.82 -2.46
CA MET B 142 24.01 2.04 -3.24
C MET B 142 22.62 2.73 -3.18
N ALA B 143 21.53 1.96 -3.16
CA ALA B 143 20.18 2.59 -2.94
C ALA B 143 20.14 3.39 -1.60
N SER B 144 20.71 2.80 -0.54
CA SER B 144 20.66 3.37 0.81
C SER B 144 21.56 4.57 0.96
N SER B 145 22.76 4.51 0.34
CA SER B 145 23.68 5.65 0.33
C SER B 145 23.12 6.89 -0.31
N SER B 146 22.57 6.69 -1.50
CA SER B 146 22.02 7.78 -2.26
C SER B 146 20.80 8.40 -1.49
N TYR B 147 19.93 7.55 -0.98
CA TYR B 147 18.78 7.99 -0.22
C TYR B 147 19.20 8.79 1.03
N ALA B 148 20.12 8.20 1.83
CA ALA B 148 20.58 8.91 3.02
C ALA B 148 21.22 10.27 2.62
N HIS B 149 22.09 10.22 1.63
CA HIS B 149 22.77 11.43 1.19
C HIS B 149 21.81 12.59 0.85
N SER B 150 20.62 12.29 0.33
CA SER B 150 19.57 13.27 -0.01
C SER B 150 18.70 13.79 1.17
N ALA B 151 18.77 13.14 2.33
CA ALA B 151 17.93 13.54 3.45
C ALA B 151 18.26 14.97 4.00
N GLU B 152 17.21 15.74 4.32
CA GLU B 152 17.34 17.04 5.10
C GLU B 152 16.49 17.19 6.38
N GLY B 153 17.01 17.99 7.32
CA GLY B 153 16.32 18.34 8.56
C GLY B 153 16.35 17.19 9.53
N GLU B 154 15.23 16.94 10.20
CA GLU B 154 15.19 15.80 11.13
C GLU B 154 15.02 14.52 10.32
N VAL B 155 15.66 13.45 10.78
CA VAL B 155 15.48 12.11 10.29
C VAL B 155 15.15 11.22 11.46
N THR B 156 14.44 10.10 11.20
CA THR B 156 13.92 9.18 12.19
C THR B 156 14.37 7.76 11.87
N TYR B 157 14.64 6.99 12.94
CA TYR B 157 15.15 5.63 12.83
C TYR B 157 14.40 4.76 13.85
N MET B 158 13.61 3.84 13.32
CA MET B 158 12.88 2.82 14.04
C MET B 158 13.67 1.53 14.11
N VAL B 159 13.89 1.06 15.34
CA VAL B 159 14.70 -0.16 15.63
C VAL B 159 13.98 -1.18 16.53
N ASP B 160 14.35 -2.46 16.41
CA ASP B 160 13.91 -3.59 17.29
C ASP B 160 14.60 -3.65 18.65
N GLY B 161 13.87 -3.49 19.77
CA GLY B 161 14.54 -3.64 21.06
C GLY B 161 14.25 -4.94 21.81
N SER B 162 13.71 -5.92 21.08
CA SER B 162 13.44 -7.19 21.77
C SER B 162 14.22 -8.38 21.18
N ASN B 163 15.24 -8.12 20.37
CA ASN B 163 15.96 -9.23 19.76
C ASN B 163 17.26 -9.53 20.48
N PRO B 164 17.29 -10.63 21.29
CA PRO B 164 18.47 -11.02 22.08
C PRO B 164 19.65 -11.28 21.20
N LYS B 165 19.36 -11.61 19.95
CA LYS B 165 20.40 -12.05 19.02
C LYS B 165 20.98 -10.94 18.12
N VAL B 166 20.28 -9.81 18.04
CA VAL B 166 20.61 -8.69 17.11
C VAL B 166 20.38 -7.33 17.83
N PRO B 167 21.48 -6.64 18.19
CA PRO B 167 21.44 -5.31 18.81
C PRO B 167 20.74 -4.19 17.99
N ALA B 168 19.88 -3.43 18.66
CA ALA B 168 19.27 -2.20 18.16
C ALA B 168 20.11 -1.40 17.15
N TYR B 169 21.30 -0.98 17.55
CA TYR B 169 22.22 -0.40 16.62
C TYR B 169 23.50 -1.30 16.37
N ARG B 170 23.84 -1.56 15.08
CA ARG B 170 25.01 -2.39 14.70
C ARG B 170 25.80 -1.65 13.63
N PRO B 171 27.11 -1.58 13.73
CA PRO B 171 27.87 -0.96 12.62
C PRO B 171 27.71 -1.70 11.32
N ASP B 172 27.44 -3.00 11.43
CA ASP B 172 27.27 -3.87 10.20
C ASP B 172 25.88 -3.99 9.58
N SER B 173 24.94 -3.23 10.08
CA SER B 173 23.67 -3.08 9.44
C SER B 173 23.80 -2.13 8.24
N PHE B 174 22.79 -2.12 7.39
CA PHE B 174 22.65 -1.20 6.33
C PHE B 174 22.59 0.23 6.82
N PHE B 175 21.93 0.47 7.98
CA PHE B 175 21.96 1.80 8.57
C PHE B 175 23.40 2.14 8.96
N GLY B 176 24.10 1.25 9.66
CA GLY B 176 25.47 1.55 10.06
C GLY B 176 26.53 1.63 8.98
N LYS B 177 26.34 0.91 7.86
CA LYS B 177 27.33 0.88 6.82
C LYS B 177 27.11 2.03 5.84
N TYR B 178 25.84 2.32 5.55
CA TYR B 178 25.50 3.12 4.38
C TYR B 178 24.72 4.36 4.65
N GLU B 179 23.96 4.38 5.74
CA GLU B 179 23.00 5.45 5.91
C GLU B 179 23.51 6.54 6.87
N LEU B 180 23.67 6.22 8.14
CA LEU B 180 24.25 7.21 9.10
C LEU B 180 25.58 7.92 8.61
N PRO B 181 26.58 7.15 8.08
CA PRO B 181 27.86 7.75 7.61
C PRO B 181 27.75 8.72 6.44
N ASN B 182 26.65 8.60 5.70
CA ASN B 182 26.34 9.43 4.52
C ASN B 182 25.38 10.65 4.76
N LEU B 183 24.89 10.84 5.98
CA LEU B 183 24.03 11.98 6.31
C LEU B 183 24.85 13.26 6.25
N THR B 184 24.31 14.30 5.66
CA THR B 184 25.07 15.52 5.37
C THR B 184 24.79 16.58 6.40
N ASN B 185 25.49 17.70 6.36
CA ASN B 185 25.25 18.77 7.33
C ASN B 185 23.84 19.39 7.20
N LYS B 186 23.16 19.14 6.08
CA LYS B 186 21.74 19.52 5.91
C LYS B 186 20.81 18.83 6.93
N VAL B 187 21.25 17.71 7.50
CA VAL B 187 20.49 17.02 8.54
C VAL B 187 20.85 17.68 9.87
N THR B 188 19.83 17.95 10.70
CA THR B 188 19.99 18.57 11.97
C THR B 188 19.82 17.64 13.20
N ARG B 189 19.21 16.48 13.04
CA ARG B 189 18.81 15.69 14.20
C ARG B 189 18.42 14.29 13.80
N VAL B 190 18.66 13.37 14.72
CA VAL B 190 18.33 11.95 14.52
C VAL B 190 17.41 11.57 15.69
N LYS B 191 16.21 11.08 15.34
CA LYS B 191 15.19 10.78 16.33
C LYS B 191 15.01 9.27 16.29
N VAL B 192 15.38 8.58 17.36
CA VAL B 192 15.20 7.14 17.44
C VAL B 192 13.91 6.72 18.16
N ILE B 193 13.24 5.77 17.54
CA ILE B 193 12.10 5.10 18.10
C ILE B 193 12.45 3.60 18.29
N VAL B 194 12.44 3.16 19.54
CA VAL B 194 12.74 1.79 19.94
C VAL B 194 11.41 1.02 20.18
N LEU B 195 11.30 -0.10 19.49
CA LEU B 195 10.11 -0.92 19.46
C LEU B 195 10.30 -2.03 20.50
N HIS B 196 9.43 -2.14 21.51
CA HIS B 196 9.39 -3.36 22.33
C HIS B 196 8.19 -4.25 21.99
N ARG B 197 8.44 -5.42 21.42
CA ARG B 197 7.35 -6.26 21.00
C ARG B 197 6.51 -6.69 22.21
N LEU B 198 5.19 -6.67 22.06
CA LEU B 198 4.31 -7.06 23.14
C LEU B 198 4.54 -8.50 23.63
N GLY B 199 4.73 -8.61 24.93
CA GLY B 199 4.86 -9.90 25.62
C GLY B 199 6.18 -10.60 25.41
N GLU B 200 7.14 -9.90 24.80
CA GLU B 200 8.49 -10.42 24.59
C GLU B 200 9.34 -9.70 25.61
N LYS B 201 10.34 -10.38 26.17
CA LYS B 201 11.27 -9.73 27.11
C LYS B 201 11.94 -8.54 26.40
N ILE B 202 12.06 -7.42 27.13
CA ILE B 202 12.70 -6.18 26.66
C ILE B 202 14.20 -6.33 26.72
N ILE B 203 14.88 -6.21 25.59
CA ILE B 203 16.33 -6.40 25.56
C ILE B 203 17.14 -5.09 25.55
N GLU B 204 16.71 -4.06 24.82
CA GLU B 204 17.48 -2.79 24.71
C GLU B 204 16.65 -1.58 25.13
N LYS B 205 17.32 -0.63 25.79
CA LYS B 205 16.75 0.63 26.26
C LYS B 205 17.52 1.88 25.82
N CYS B 206 16.83 3.01 25.65
CA CYS B 206 17.51 4.29 25.46
C CYS B 206 18.58 4.52 26.56
N GLY B 207 19.74 5.01 26.14
CA GLY B 207 20.85 5.32 27.01
C GLY B 207 21.69 4.15 27.46
N ALA B 208 21.54 2.98 26.85
CA ALA B 208 22.34 1.84 27.26
C ALA B 208 22.69 0.97 26.07
N GLY B 209 23.80 0.23 26.21
CA GLY B 209 24.22 -0.67 25.18
C GLY B 209 24.46 0.03 23.87
N SER B 210 24.02 -0.60 22.79
CA SER B 210 24.25 -0.11 21.45
C SER B 210 23.66 1.30 21.22
N LEU B 211 22.61 1.66 21.98
CA LEU B 211 21.92 2.96 21.83
C LEU B 211 22.74 4.11 22.39
N LEU B 212 23.52 3.76 23.41
CA LEU B 212 24.55 4.63 23.95
C LEU B 212 25.68 4.90 22.96
N ASP B 213 26.15 3.86 22.26
CA ASP B 213 27.10 4.04 21.18
C ASP B 213 26.53 4.90 20.05
N LEU B 214 25.31 4.56 19.63
CA LEU B 214 24.61 5.38 18.67
C LEU B 214 24.54 6.85 19.08
N GLU B 215 24.15 7.16 20.32
CA GLU B 215 24.11 8.58 20.82
C GLU B 215 25.43 9.37 20.63
N LYS B 216 26.55 8.72 20.95
CA LYS B 216 27.87 9.32 20.84
C LYS B 216 28.31 9.56 19.41
N LEU B 217 28.07 8.54 18.58
CA LEU B 217 28.35 8.59 17.18
C LEU B 217 27.57 9.77 16.55
N VAL B 218 26.29 9.89 16.88
CA VAL B 218 25.43 10.97 16.38
C VAL B 218 25.86 12.36 16.97
N LYS B 219 26.30 12.37 18.24
CA LYS B 219 26.88 13.60 18.81
C LYS B 219 28.13 14.03 18.03
N ALA B 220 28.96 13.08 17.61
CA ALA B 220 30.18 13.43 16.86
C ALA B 220 29.85 14.24 15.60
N LYS B 221 28.95 13.72 14.74
CA LYS B 221 28.59 14.41 13.49
C LYS B 221 27.92 15.78 13.68
N HIS B 222 27.70 16.15 14.93
CA HIS B 222 27.10 17.43 15.29
C HIS B 222 25.60 17.52 14.98
N PHE B 223 24.91 16.39 15.00
CA PHE B 223 23.44 16.43 15.03
C PHE B 223 22.91 16.39 16.50
N ALA B 224 21.79 17.05 16.79
CA ALA B 224 20.97 16.70 17.93
C ALA B 224 20.53 15.21 17.87
N PHE B 225 19.98 14.74 19.00
CA PHE B 225 19.61 13.34 19.14
C PHE B 225 18.53 13.23 20.19
N ASP B 226 17.46 12.51 19.85
CA ASP B 226 16.60 12.04 20.94
C ASP B 226 16.25 10.56 20.70
N CYS B 227 15.59 9.97 21.69
CA CYS B 227 15.27 8.56 21.69
C CYS B 227 14.02 8.30 22.54
N VAL B 228 13.13 7.42 22.10
CA VAL B 228 11.96 7.07 22.86
C VAL B 228 11.56 5.59 22.65
N GLU B 229 11.06 4.95 23.70
CA GLU B 229 10.57 3.56 23.57
C GLU B 229 9.03 3.50 23.55
N ASN B 230 8.46 2.66 22.67
CA ASN B 230 7.02 2.48 22.53
C ASN B 230 6.17 3.74 22.74
N PRO B 231 6.43 4.76 21.93
CA PRO B 231 5.59 5.95 22.13
C PRO B 231 4.15 5.66 21.69
N ARG B 232 3.18 6.27 22.37
CA ARG B 232 1.76 5.89 22.27
C ARG B 232 1.29 5.58 20.87
N ALA B 233 1.59 6.41 19.88
CA ALA B 233 1.02 6.21 18.53
C ALA B 233 1.52 4.91 17.87
N VAL B 234 2.80 4.61 18.14
CA VAL B 234 3.36 3.31 17.72
C VAL B 234 2.76 2.17 18.58
N LEU B 235 2.66 2.38 19.89
CA LEU B 235 2.14 1.36 20.75
C LEU B 235 0.71 0.97 20.27
N PHE B 236 -0.12 1.90 19.85
CA PHE B 236 -1.52 1.53 19.55
C PHE B 236 -1.58 0.64 18.26
N LEU B 237 -0.65 0.87 17.33
CA LEU B 237 -0.59 0.02 16.14
C LEU B 237 -0.27 -1.43 16.48
N LEU B 238 0.63 -1.60 17.45
CA LEU B 238 0.97 -2.91 17.98
C LEU B 238 -0.25 -3.56 18.66
N CYS B 239 -0.94 -2.86 19.54
CA CYS B 239 -2.12 -3.42 20.20
C CYS B 239 -3.22 -3.76 19.21
N SER B 240 -3.35 -2.95 18.17
CA SER B 240 -4.35 -3.23 17.15
C SER B 240 -4.17 -4.70 16.74
N ASP B 241 -2.93 -5.15 16.61
CA ASP B 241 -2.65 -6.53 16.20
C ASP B 241 -2.66 -7.59 17.27
N ASN B 242 -2.65 -7.17 18.54
CA ASN B 242 -2.67 -8.08 19.67
C ASN B 242 -3.39 -7.38 20.80
N PRO B 243 -4.72 -7.20 20.64
CA PRO B 243 -5.49 -6.36 21.54
C PRO B 243 -5.53 -6.91 22.95
N ASN B 244 -5.19 -8.18 23.12
CA ASN B 244 -5.35 -8.74 24.44
C ASN B 244 -4.06 -8.69 25.34
N ALA B 245 -3.00 -8.07 24.83
CA ALA B 245 -1.75 -8.01 25.58
C ALA B 245 -1.94 -7.20 26.84
N ARG B 246 -1.11 -7.47 27.85
CA ARG B 246 -1.16 -6.74 29.12
C ARG B 246 -0.79 -5.27 28.95
N GLU B 247 0.09 -4.98 27.99
CA GLU B 247 0.48 -3.60 27.73
C GLU B 247 -0.65 -2.76 27.14
N CYS B 248 -1.73 -3.41 26.71
CA CYS B 248 -2.82 -2.70 26.06
C CYS B 248 -4.04 -2.65 26.90
N ARG B 249 -3.88 -2.87 28.19
CA ARG B 249 -5.01 -2.85 29.11
C ARG B 249 -5.60 -1.43 29.17
N LEU B 250 -6.89 -1.30 28.97
CA LEU B 250 -7.52 0.01 28.97
C LEU B 250 -7.97 0.42 30.36
N ALA B 251 -7.89 1.72 30.67
CA ALA B 251 -8.34 2.20 32.00
C ALA B 251 -9.86 2.09 32.18
#